data_2ZQ9
#
_entry.id   2ZQ9
#
_cell.length_a   72.421
_cell.length_b   72.421
_cell.length_c   97.518
_cell.angle_alpha   90.00
_cell.angle_beta   90.00
_cell.angle_gamma   120.00
#
_symmetry.space_group_name_H-M   'P 32 2 1'
#
loop_
_entity.id
_entity.type
_entity.pdbx_description
1 polymer 'Beta-lactamase Toho-1'
2 non-polymer 'SULFATE ION'
3 non-polymer '5-METHYLENE-2-[2-OXO-1-(2-THIOPHEN-2-YL-ACETYLAMINO)-ETHYL]-5,6-DIHYDRO-2H-[1,3]THIAZINE-4-CARBOXYLIC ACID'
4 non-polymer CEPHALOTHIN
5 non-polymer 'THIOPHENEACETIC ACID'
6 water water
#
_entity_poly.entity_id   1
_entity_poly.type   'polypeptide(L)'
_entity_poly.pdbx_seq_one_letter_code
;ANSVQQQLEALEKSSGGRLGVALINTADNSQILYRADERFAMCSTSKVMAAAAVLKQSESDKHLLNQRVEIKKSDLVNYN
PIAEKHVNGTMTLAELGAAALQYSDNTAMNKLIAHLGGPDKVTAFARSLGDETFRLDRTAPTLNTAIPGDPRDTTTPLAM
AQTLKNLTLGKALAETQRAQLVTWLKGNTTGSASIRAGLPKSWVVGDKTGSGDYGTTNDIAVIWPENHAPLVLVTYFTQP
EQKAENRNDILAAAAKIVTHGF
;
_entity_poly.pdbx_strand_id   A
#
loop_
_chem_comp.id
_chem_comp.type
_chem_comp.name
_chem_comp.formula
CEO non-polymer '5-METHYLENE-2-[2-OXO-1-(2-THIOPHEN-2-YL-ACETYLAMINO)-ETHYL]-5,6-DIHYDRO-2H-[1,3]THIAZINE-4-CARBOXYLIC ACID' 'C14 H14 N2 O4 S2'
CLS non-polymer CEPHALOTHIN 'C16 H16 N2 O6 S2'
SO4 non-polymer 'SULFATE ION' 'O4 S -2'
SPA non-polymer 'THIOPHENEACETIC ACID' 'C6 H6 O2 S'
#
# COMPACT_ATOMS: atom_id res chain seq x y z
N ASN A 2 -26.41 14.51 7.30
CA ASN A 2 -26.01 13.76 6.08
C ASN A 2 -25.32 12.44 6.43
N SER A 3 -25.61 11.40 5.67
CA SER A 3 -25.05 10.08 5.91
C SER A 3 -23.58 10.04 5.51
N VAL A 4 -22.86 9.02 5.98
CA VAL A 4 -21.48 8.79 5.56
C VAL A 4 -21.40 8.70 4.03
N GLN A 5 -22.33 7.97 3.42
CA GLN A 5 -22.37 7.87 1.96
C GLN A 5 -22.53 9.21 1.26
N GLN A 6 -23.46 10.03 1.75
CA GLN A 6 -23.63 11.37 1.21
C GLN A 6 -22.40 12.25 1.37
N GLN A 7 -21.72 12.12 2.51
CA GLN A 7 -20.51 12.88 2.77
C GLN A 7 -19.38 12.47 1.81
N LEU A 8 -19.22 11.17 1.59
CA LEU A 8 -18.20 10.71 0.64
C LEU A 8 -18.53 11.17 -0.77
N GLU A 9 -19.80 11.10 -1.16
CA GLU A 9 -20.25 11.56 -2.47
CA GLU A 9 -20.21 11.55 -2.48
C GLU A 9 -19.90 13.03 -2.68
N ALA A 10 -20.17 13.83 -1.65
CA ALA A 10 -19.90 15.26 -1.72
C ALA A 10 -18.41 15.57 -1.78
N LEU A 11 -17.62 14.83 -1.00
CA LEU A 11 -16.18 14.98 -1.02
C LEU A 11 -15.65 14.68 -2.42
N GLU A 12 -16.08 13.54 -2.97
CA GLU A 12 -15.66 13.17 -4.31
C GLU A 12 -16.03 14.21 -5.36
N LYS A 13 -17.28 14.66 -5.30
CA LYS A 13 -17.75 15.60 -6.30
C LYS A 13 -16.96 16.91 -6.25
N SER A 14 -16.77 17.44 -5.05
CA SER A 14 -16.05 18.69 -4.94
CA SER A 14 -16.03 18.68 -4.89
C SER A 14 -14.57 18.54 -5.31
N SER A 15 -14.00 17.37 -5.01
CA SER A 15 -12.58 17.14 -5.21
C SER A 15 -12.16 17.09 -6.68
N GLY A 16 -13.12 16.77 -7.54
CA GLY A 16 -12.83 16.56 -8.96
C GLY A 16 -11.96 15.34 -9.18
N GLY A 17 -12.45 14.20 -8.70
CA GLY A 17 -11.83 12.93 -8.99
C GLY A 17 -12.77 11.76 -8.76
N ARG A 18 -12.15 10.61 -8.64
CA ARG A 18 -12.81 9.35 -8.39
C ARG A 18 -12.20 8.81 -7.10
N LEU A 19 -13.06 8.58 -6.11
CA LEU A 19 -12.68 8.16 -4.77
C LEU A 19 -13.14 6.73 -4.53
N GLY A 20 -12.25 5.91 -3.96
CA GLY A 20 -12.58 4.56 -3.59
C GLY A 20 -12.22 4.34 -2.14
N VAL A 21 -13.16 3.83 -1.36
CA VAL A 21 -12.97 3.64 0.08
C VAL A 21 -13.48 2.26 0.47
N ALA A 22 -12.69 1.55 1.27
CA ALA A 22 -13.19 0.38 1.96
C ALA A 22 -12.66 0.40 3.38
N LEU A 23 -13.59 0.45 4.33
CA LEU A 23 -13.27 0.31 5.75
CA LEU A 23 -13.32 0.34 5.76
C LEU A 23 -13.86 -1.00 6.24
N ILE A 24 -13.02 -1.80 6.89
CA ILE A 24 -13.47 -3.00 7.59
C ILE A 24 -13.29 -2.75 9.08
N ASN A 25 -14.39 -2.86 9.82
CA ASN A 25 -14.34 -2.78 11.27
CA ASN A 25 -14.36 -2.79 11.26
C ASN A 25 -14.25 -4.20 11.82
N THR A 26 -13.09 -4.55 12.35
CA THR A 26 -12.92 -5.92 12.81
C THR A 26 -13.67 -6.23 14.13
N ALA A 27 -14.30 -5.23 14.75
CA ALA A 27 -15.13 -5.50 15.94
C ALA A 27 -16.27 -6.43 15.59
N ASP A 28 -16.87 -6.22 14.41
CA ASP A 28 -18.08 -6.94 14.04
C ASP A 28 -18.09 -7.30 12.57
N ASN A 29 -16.95 -7.07 11.91
CA ASN A 29 -16.78 -7.42 10.52
C ASN A 29 -17.65 -6.55 9.57
N SER A 30 -18.19 -5.45 10.09
CA SER A 30 -18.97 -4.49 9.29
C SER A 30 -18.06 -3.67 8.37
N GLN A 31 -18.65 -3.12 7.32
CA GLN A 31 -17.90 -2.42 6.30
C GLN A 31 -18.55 -1.13 5.87
N ILE A 32 -17.70 -0.16 5.50
CA ILE A 32 -18.16 1.04 4.82
C ILE A 32 -17.46 1.07 3.48
N LEU A 33 -18.26 1.05 2.42
CA LEU A 33 -17.76 0.88 1.06
C LEU A 33 -18.18 2.03 0.17
N TYR A 34 -17.26 2.50 -0.66
CA TYR A 34 -17.55 3.55 -1.63
C TYR A 34 -16.74 3.25 -2.88
N ARG A 35 -17.41 2.90 -3.98
CA ARG A 35 -16.72 2.44 -5.19
C ARG A 35 -15.73 1.31 -4.88
N ALA A 36 -16.09 0.46 -3.93
CA ALA A 36 -15.14 -0.50 -3.39
C ALA A 36 -14.85 -1.68 -4.30
N ASP A 37 -15.68 -1.87 -5.33
CA ASP A 37 -15.44 -2.91 -6.32
C ASP A 37 -14.90 -2.34 -7.64
N GLU A 38 -14.52 -1.07 -7.66
CA GLU A 38 -13.92 -0.46 -8.84
C GLU A 38 -12.41 -0.58 -8.78
N ARG A 39 -11.77 -0.79 -9.93
CA ARG A 39 -10.32 -0.84 -10.01
C ARG A 39 -9.69 0.53 -9.96
N PHE A 40 -8.56 0.59 -9.25
CA PHE A 40 -7.72 1.76 -9.15
C PHE A 40 -6.27 1.30 -9.28
N ALA A 41 -5.44 2.15 -9.90
CA ALA A 41 -4.00 1.93 -9.89
C ALA A 41 -3.48 2.00 -8.46
N MET A 42 -2.79 0.95 -8.01
CA MET A 42 -2.25 0.87 -6.66
C MET A 42 -1.10 1.83 -6.42
N CYS A 43 -0.33 2.14 -7.46
CA CYS A 43 0.91 2.87 -7.31
C CYS A 43 1.75 2.18 -6.22
N SER A 44 2.42 2.96 -5.37
CA SER A 44 3.36 2.36 -4.42
C SER A 44 2.69 1.58 -3.30
N THR A 45 1.36 1.59 -3.20
CA THR A 45 0.73 0.70 -2.23
C THR A 45 0.98 -0.78 -2.55
N SER A 46 1.32 -1.06 -3.82
CA SER A 46 1.63 -2.42 -4.20
CA SER A 46 1.78 -2.36 -4.33
C SER A 46 2.90 -2.95 -3.50
N LYS A 47 3.72 -2.07 -2.91
CA LYS A 47 4.92 -2.53 -2.24
CA LYS A 47 4.94 -2.49 -2.20
C LYS A 47 4.62 -3.43 -1.04
N VAL A 48 3.45 -3.24 -0.43
CA VAL A 48 3.07 -4.11 0.67
C VAL A 48 3.04 -5.58 0.21
N MET A 49 2.45 -5.83 -0.96
CA MET A 49 2.34 -7.19 -1.45
C MET A 49 3.71 -7.78 -1.79
N ALA A 50 4.60 -6.98 -2.37
CA ALA A 50 5.94 -7.47 -2.69
C ALA A 50 6.74 -7.80 -1.44
N ALA A 51 6.71 -6.91 -0.46
CA ALA A 51 7.40 -7.16 0.80
C ALA A 51 6.83 -8.40 1.49
N ALA A 52 5.51 -8.52 1.51
CA ALA A 52 4.87 -9.67 2.15
C ALA A 52 5.22 -10.97 1.44
N ALA A 53 5.36 -10.94 0.12
CA ALA A 53 5.73 -12.13 -0.63
C ALA A 53 7.11 -12.62 -0.20
N VAL A 54 8.05 -11.70 0.01
CA VAL A 54 9.36 -12.05 0.51
C VAL A 54 9.28 -12.58 1.95
N LEU A 55 8.47 -11.94 2.79
CA LEU A 55 8.26 -12.48 4.12
C LEU A 55 7.74 -13.91 4.07
N LYS A 56 6.79 -14.20 3.17
CA LYS A 56 6.29 -15.55 3.06
CA LYS A 56 6.28 -15.56 3.11
C LYS A 56 7.42 -16.54 2.74
N GLN A 57 8.26 -16.18 1.78
CA GLN A 57 9.40 -17.03 1.44
C GLN A 57 10.29 -17.28 2.67
N SER A 58 10.45 -16.27 3.51
CA SER A 58 11.34 -16.39 4.66
C SER A 58 10.83 -17.42 5.67
N GLU A 59 9.55 -17.78 5.60
CA GLU A 59 8.99 -18.81 6.48
C GLU A 59 9.63 -20.17 6.25
N SER A 60 10.20 -20.37 5.07
CA SER A 60 10.84 -21.62 4.70
CA SER A 60 10.84 -21.62 4.69
C SER A 60 12.35 -21.48 4.46
N ASP A 61 12.92 -20.31 4.75
CA ASP A 61 14.35 -20.07 4.57
C ASP A 61 14.83 -19.10 5.64
N LYS A 62 15.42 -19.64 6.70
CA LYS A 62 15.82 -18.86 7.87
C LYS A 62 16.94 -17.86 7.60
N HIS A 63 17.59 -17.97 6.44
CA HIS A 63 18.67 -17.05 6.08
C HIS A 63 18.24 -15.97 5.10
N LEU A 64 17.00 -16.00 4.63
CA LEU A 64 16.58 -15.11 3.56
C LEU A 64 16.64 -13.64 3.92
N LEU A 65 16.08 -13.28 5.07
CA LEU A 65 15.98 -11.85 5.37
C LEU A 65 17.32 -11.17 5.53
N ASN A 66 18.33 -11.95 5.92
CA ASN A 66 19.68 -11.41 6.04
C ASN A 66 20.53 -11.56 4.79
N GLN A 67 19.95 -12.07 3.71
CA GLN A 67 20.68 -12.22 2.45
C GLN A 67 21.07 -10.85 1.90
N ARG A 68 22.35 -10.73 1.52
CA ARG A 68 22.90 -9.50 0.93
C ARG A 68 22.45 -9.28 -0.50
N VAL A 69 22.09 -8.06 -0.80
CA VAL A 69 21.76 -7.66 -2.15
C VAL A 69 22.65 -6.48 -2.53
N GLU A 70 23.34 -6.62 -3.67
N GLU A 70 23.37 -6.63 -3.64
CA GLU A 70 24.25 -5.61 -4.19
CA GLU A 70 24.24 -5.58 -4.12
C GLU A 70 23.51 -4.45 -4.86
C GLU A 70 23.42 -4.46 -4.75
N ILE A 71 23.78 -3.23 -4.41
CA ILE A 71 23.14 -2.03 -4.94
C ILE A 71 24.12 -1.34 -5.88
N LYS A 72 23.77 -1.27 -7.16
CA LYS A 72 24.60 -0.60 -8.17
C LYS A 72 24.02 0.77 -8.50
N LYS A 73 24.87 1.67 -8.98
CA LYS A 73 24.39 2.97 -9.46
C LYS A 73 23.30 2.81 -10.52
N SER A 74 23.48 1.83 -11.40
CA SER A 74 22.50 1.57 -12.47
C SER A 74 21.14 1.07 -11.95
N ASP A 75 21.04 0.68 -10.67
CA ASP A 75 19.76 0.29 -10.07
C ASP A 75 18.90 1.48 -9.67
N LEU A 76 19.50 2.66 -9.59
CA LEU A 76 18.74 3.81 -9.16
C LEU A 76 17.74 4.21 -10.23
N VAL A 77 16.55 4.61 -9.79
CA VAL A 77 15.47 5.03 -10.67
C VAL A 77 15.05 6.46 -10.30
N ASN A 78 13.75 6.73 -10.24
CA ASN A 78 13.28 8.11 -10.05
C ASN A 78 13.24 8.58 -8.60
N TYR A 79 13.22 7.65 -7.65
CA TYR A 79 13.03 7.99 -6.24
C TYR A 79 13.60 6.84 -5.42
N ASN A 80 14.73 7.11 -4.74
CA ASN A 80 15.42 6.05 -4.06
CA ASN A 80 15.58 6.09 -4.14
C ASN A 80 16.30 6.62 -2.93
N PRO A 81 15.61 7.26 -1.96
CA PRO A 81 16.38 7.96 -0.93
C PRO A 81 17.23 7.08 -0.04
N ILE A 82 16.85 5.81 0.13
CA ILE A 82 17.65 4.91 0.96
C ILE A 82 18.69 4.16 0.11
N ALA A 83 18.25 3.60 -1.01
CA ALA A 83 19.18 2.84 -1.85
C ALA A 83 20.36 3.68 -2.31
N GLU A 84 20.15 4.97 -2.56
CA GLU A 84 21.26 5.76 -3.05
C GLU A 84 22.38 5.91 -2.02
N LYS A 85 22.07 5.71 -0.75
CA LYS A 85 23.05 5.74 0.33
C LYS A 85 23.92 4.50 0.34
N HIS A 86 23.54 3.48 -0.43
CA HIS A 86 24.17 2.17 -0.35
C HIS A 86 24.77 1.70 -1.66
N VAL A 87 24.88 2.60 -2.62
CA VAL A 87 25.49 2.26 -3.90
C VAL A 87 26.93 1.79 -3.70
N ASN A 88 27.27 0.69 -4.36
N ASN A 88 27.26 0.70 -4.39
CA ASN A 88 28.57 0.01 -4.21
CA ASN A 88 28.50 -0.06 -4.27
C ASN A 88 28.66 -0.88 -2.97
C ASN A 88 28.68 -0.80 -2.94
N GLY A 89 27.60 -0.85 -2.16
CA GLY A 89 27.50 -1.69 -0.97
C GLY A 89 26.34 -2.65 -1.10
N THR A 90 25.98 -3.27 0.02
CA THR A 90 24.85 -4.17 0.06
C THR A 90 23.79 -3.69 1.03
N MET A 91 22.57 -4.15 0.79
CA MET A 91 21.47 -4.08 1.74
C MET A 91 20.89 -5.47 1.87
N THR A 92 20.44 -5.84 3.05
CA THR A 92 19.78 -7.13 3.18
C THR A 92 18.37 -7.07 2.62
N LEU A 93 17.78 -8.23 2.35
CA LEU A 93 16.39 -8.25 1.94
C LEU A 93 15.47 -7.60 2.99
N ALA A 94 15.75 -7.81 4.29
CA ALA A 94 14.97 -7.12 5.33
C ALA A 94 15.10 -5.60 5.20
N GLU A 95 16.32 -5.12 4.99
CA GLU A 95 16.56 -3.69 4.86
C GLU A 95 15.84 -3.13 3.62
N LEU A 96 15.80 -3.93 2.56
CA LEU A 96 15.06 -3.53 1.37
C LEU A 96 13.56 -3.49 1.61
N GLY A 97 13.03 -4.47 2.35
CA GLY A 97 11.62 -4.38 2.77
C GLY A 97 11.34 -3.12 3.56
N ALA A 98 12.19 -2.82 4.53
CA ALA A 98 12.01 -1.62 5.35
C ALA A 98 12.05 -0.36 4.50
N ALA A 99 13.02 -0.27 3.60
CA ALA A 99 13.16 0.92 2.77
C ALA A 99 11.97 1.10 1.83
N ALA A 100 11.56 -0.01 1.21
CA ALA A 100 10.40 0.01 0.32
C ALA A 100 9.16 0.51 1.07
N LEU A 101 8.92 -0.06 2.25
CA LEU A 101 7.68 0.25 2.96
C LEU A 101 7.71 1.59 3.68
N GLN A 102 8.84 1.93 4.32
CA GLN A 102 8.86 3.08 5.20
C GLN A 102 9.24 4.37 4.52
N TYR A 103 9.92 4.28 3.38
CA TYR A 103 10.35 5.44 2.62
C TYR A 103 9.80 5.42 1.18
N SER A 104 9.13 4.35 0.79
CA SER A 104 8.68 4.19 -0.60
C SER A 104 9.84 4.26 -1.59
N ASP A 105 10.95 3.61 -1.22
CA ASP A 105 12.12 3.58 -2.08
C ASP A 105 11.84 2.65 -3.27
N ASN A 106 11.88 3.21 -4.49
CA ASN A 106 11.53 2.45 -5.68
C ASN A 106 12.61 1.45 -6.09
N THR A 107 13.88 1.77 -5.83
CA THR A 107 14.93 0.80 -6.08
C THR A 107 14.74 -0.42 -5.17
N ALA A 108 14.39 -0.18 -3.91
CA ALA A 108 14.15 -1.27 -2.99
C ALA A 108 13.01 -2.16 -3.49
N MET A 109 11.90 -1.56 -3.92
CA MET A 109 10.81 -2.33 -4.51
C MET A 109 11.32 -3.19 -5.67
N ASN A 110 12.12 -2.60 -6.56
CA ASN A 110 12.59 -3.36 -7.70
C ASN A 110 13.48 -4.52 -7.29
N LYS A 111 14.28 -4.36 -6.24
CA LYS A 111 15.08 -5.48 -5.75
C LYS A 111 14.21 -6.60 -5.19
N LEU A 112 13.11 -6.25 -4.52
CA LEU A 112 12.20 -7.28 -4.03
C LEU A 112 11.59 -8.03 -5.20
N ILE A 113 11.11 -7.30 -6.19
CA ILE A 113 10.50 -7.92 -7.36
C ILE A 113 11.49 -8.82 -8.09
N ALA A 114 12.72 -8.33 -8.29
CA ALA A 114 13.73 -9.10 -8.98
C ALA A 114 14.06 -10.37 -8.22
N HIS A 115 14.20 -10.25 -6.90
CA HIS A 115 14.46 -11.42 -6.09
C HIS A 115 13.35 -12.47 -6.26
N LEU A 116 12.10 -12.03 -6.26
CA LEU A 116 10.97 -12.94 -6.40
C LEU A 116 10.89 -13.60 -7.77
N GLY A 117 11.38 -12.91 -8.79
CA GLY A 117 11.33 -13.41 -10.15
C GLY A 117 10.38 -12.67 -11.08
N GLY A 118 9.94 -11.48 -10.70
CA GLY A 118 9.19 -10.60 -11.58
C GLY A 118 7.83 -10.25 -11.03
N PRO A 119 7.18 -9.23 -11.62
CA PRO A 119 5.89 -8.77 -11.10
C PRO A 119 4.85 -9.88 -10.99
N ASP A 120 4.85 -10.82 -11.94
CA ASP A 120 3.89 -11.91 -11.94
CA ASP A 120 3.85 -11.86 -11.92
C ASP A 120 3.96 -12.77 -10.67
N LYS A 121 5.14 -12.82 -10.06
CA LYS A 121 5.31 -13.58 -8.82
CA LYS A 121 5.29 -13.59 -8.83
C LYS A 121 4.59 -12.91 -7.66
N VAL A 122 4.50 -11.58 -7.70
CA VAL A 122 3.76 -10.85 -6.69
C VAL A 122 2.26 -11.13 -6.87
N THR A 123 1.79 -11.14 -8.11
CA THR A 123 0.40 -11.50 -8.37
C THR A 123 0.10 -12.90 -7.83
N ALA A 124 1.00 -13.85 -8.09
CA ALA A 124 0.76 -15.21 -7.62
C ALA A 124 0.68 -15.26 -6.09
N PHE A 125 1.53 -14.47 -5.40
CA PHE A 125 1.45 -14.43 -3.95
C PHE A 125 0.08 -13.90 -3.50
N ALA A 126 -0.39 -12.81 -4.12
CA ALA A 126 -1.71 -12.30 -3.77
C ALA A 126 -2.79 -13.38 -3.94
N ARG A 127 -2.72 -14.09 -5.06
CA ARG A 127 -3.69 -15.14 -5.34
C ARG A 127 -3.64 -16.24 -4.29
N SER A 128 -2.44 -16.51 -3.77
CA SER A 128 -2.29 -17.53 -2.73
C SER A 128 -2.98 -17.13 -1.42
N LEU A 129 -3.27 -15.84 -1.26
CA LEU A 129 -3.99 -15.31 -0.12
C LEU A 129 -5.49 -15.20 -0.37
N GLY A 130 -5.93 -15.68 -1.53
CA GLY A 130 -7.33 -15.61 -1.94
C GLY A 130 -7.73 -14.29 -2.57
N ASP A 131 -6.76 -13.47 -2.96
CA ASP A 131 -7.06 -12.20 -3.60
C ASP A 131 -7.04 -12.42 -5.10
N GLU A 132 -8.23 -12.43 -5.67
CA GLU A 132 -8.42 -12.70 -7.11
CA GLU A 132 -8.38 -12.71 -7.11
C GLU A 132 -8.34 -11.42 -7.94
N THR A 133 -8.15 -10.30 -7.26
CA THR A 133 -8.30 -8.99 -7.85
C THR A 133 -6.96 -8.30 -8.16
N PHE A 134 -6.06 -8.31 -7.18
CA PHE A 134 -4.74 -7.72 -7.30
C PHE A 134 -4.03 -8.20 -8.56
N ARG A 135 -3.36 -7.28 -9.25
CA ARG A 135 -2.40 -7.67 -10.28
C ARG A 135 -1.26 -6.69 -10.29
N LEU A 136 -0.04 -7.24 -10.32
CA LEU A 136 1.18 -6.47 -10.55
C LEU A 136 1.74 -6.87 -11.91
N ASP A 137 1.98 -5.87 -12.74
CA ASP A 137 2.37 -6.06 -14.13
C ASP A 137 3.74 -5.49 -14.45
N ARG A 138 4.13 -4.43 -13.73
CA ARG A 138 5.33 -3.68 -14.04
C ARG A 138 6.18 -3.47 -12.80
N THR A 139 7.43 -3.10 -13.04
CA THR A 139 8.32 -2.64 -12.00
C THR A 139 8.13 -1.12 -11.77
N ALA A 140 8.88 -0.59 -10.80
CA ALA A 140 8.92 0.86 -10.59
C ALA A 140 9.93 1.46 -11.56
N PRO A 141 9.67 2.66 -12.10
CA PRO A 141 8.58 3.58 -11.81
C PRO A 141 7.31 3.39 -12.60
N THR A 142 7.34 2.57 -13.66
CA THR A 142 6.23 2.56 -14.60
C THR A 142 4.93 2.01 -14.02
N LEU A 143 5.00 1.28 -12.91
CA LEU A 143 3.77 0.82 -12.28
C LEU A 143 2.90 1.97 -11.75
N ASN A 144 3.43 3.20 -11.75
CA ASN A 144 2.69 4.36 -11.25
C ASN A 144 2.06 5.23 -12.34
N THR A 145 2.02 4.78 -13.60
CA THR A 145 1.43 5.61 -14.66
C THR A 145 -0.06 5.91 -14.40
N ALA A 146 -0.77 4.98 -13.80
CA ALA A 146 -2.13 5.20 -13.30
C ALA A 146 -3.08 5.77 -14.36
N ILE A 147 -2.98 5.23 -15.56
CA ILE A 147 -3.78 5.72 -16.67
C ILE A 147 -5.24 5.28 -16.49
N PRO A 148 -6.22 6.20 -16.65
CA PRO A 148 -7.60 5.80 -16.46
C PRO A 148 -7.98 4.62 -17.35
N GLY A 149 -8.61 3.63 -16.75
CA GLY A 149 -9.05 2.45 -17.48
C GLY A 149 -7.98 1.41 -17.75
N ASP A 150 -6.73 1.68 -17.40
CA ASP A 150 -5.66 0.70 -17.60
C ASP A 150 -5.74 -0.31 -16.45
N PRO A 151 -5.84 -1.61 -16.77
CA PRO A 151 -5.94 -2.61 -15.71
C PRO A 151 -4.59 -2.94 -15.07
N ARG A 152 -3.49 -2.54 -15.68
CA ARG A 152 -2.19 -2.95 -15.15
C ARG A 152 -1.98 -2.37 -13.74
N ASP A 153 -1.44 -3.18 -12.84
CA ASP A 153 -1.03 -2.68 -11.53
C ASP A 153 -2.21 -2.08 -10.75
N THR A 154 -3.36 -2.75 -10.83
CA THR A 154 -4.57 -2.30 -10.16
C THR A 154 -5.09 -3.34 -9.15
N THR A 155 -5.96 -2.84 -8.27
CA THR A 155 -6.82 -3.67 -7.46
C THR A 155 -8.07 -2.87 -7.12
N THR A 156 -8.96 -3.43 -6.30
CA THR A 156 -10.11 -2.68 -5.83
C THR A 156 -9.93 -2.35 -4.34
N PRO A 157 -10.61 -1.30 -3.85
CA PRO A 157 -10.48 -0.99 -2.41
C PRO A 157 -10.87 -2.16 -1.52
N LEU A 158 -11.97 -2.85 -1.83
CA LEU A 158 -12.39 -3.97 -0.99
C LEU A 158 -11.38 -5.10 -1.02
N ALA A 159 -10.89 -5.46 -2.20
CA ALA A 159 -9.92 -6.55 -2.26
C ALA A 159 -8.70 -6.21 -1.44
N MET A 160 -8.20 -4.98 -1.56
CA MET A 160 -7.00 -4.61 -0.84
CA MET A 160 -7.00 -4.61 -0.84
C MET A 160 -7.24 -4.52 0.66
N ALA A 161 -8.43 -4.08 1.07
CA ALA A 161 -8.73 -4.04 2.51
C ALA A 161 -8.78 -5.45 3.07
N GLN A 162 -9.45 -6.36 2.37
CA GLN A 162 -9.51 -7.75 2.81
C GLN A 162 -8.11 -8.35 2.91
N THR A 163 -7.28 -8.13 1.89
CA THR A 163 -5.95 -8.70 1.90
C THR A 163 -5.05 -8.04 2.94
N LEU A 164 -5.14 -6.74 3.10
CA LEU A 164 -4.35 -6.07 4.14
C LEU A 164 -4.76 -6.58 5.53
N LYS A 165 -6.05 -6.80 5.75
CA LYS A 165 -6.51 -7.39 7.00
C LYS A 165 -5.87 -8.76 7.20
N ASN A 166 -5.92 -9.60 6.18
CA ASN A 166 -5.32 -10.92 6.31
C ASN A 166 -3.83 -10.88 6.57
N LEU A 167 -3.13 -10.01 5.83
CA LEU A 167 -1.68 -9.86 6.01
C LEU A 167 -1.27 -9.45 7.41
N THR A 168 -1.99 -8.50 7.98
CA THR A 168 -1.57 -7.86 9.23
C THR A 168 -2.21 -8.42 10.49
N LEU A 169 -3.40 -8.99 10.34
CA LEU A 169 -4.23 -9.40 11.47
C LEU A 169 -4.82 -10.78 11.30
N GLY A 170 -4.53 -11.43 10.19
N GLY A 170 -4.55 -11.47 10.20
CA GLY A 170 -5.16 -12.67 9.82
CA GLY A 170 -5.33 -12.66 9.83
C GLY A 170 -4.18 -13.71 9.34
C GLY A 170 -4.61 -13.76 9.04
N LYS A 171 -4.68 -14.55 8.43
N LYS A 171 -5.30 -14.28 8.04
CA LYS A 171 -4.15 -15.91 8.17
CA LYS A 171 -4.86 -15.50 7.37
C LYS A 171 -2.93 -16.07 7.24
C LYS A 171 -3.89 -15.16 6.24
N ALA A 172 -2.59 -15.02 6.54
CA ALA A 172 -1.59 -14.94 5.47
C ALA A 172 -0.19 -15.40 5.86
N LEU A 173 0.35 -14.79 6.92
CA LEU A 173 1.74 -14.97 7.29
C LEU A 173 1.86 -15.69 8.62
N ALA A 174 2.96 -16.40 8.82
CA ALA A 174 3.31 -16.92 10.14
C ALA A 174 3.55 -15.74 11.09
N GLU A 175 3.49 -16.00 12.39
CA GLU A 175 3.48 -14.90 13.36
C GLU A 175 4.68 -13.97 13.28
N THR A 176 5.90 -14.51 13.21
CA THR A 176 7.03 -13.62 13.21
C THR A 176 6.99 -12.69 12.00
N GLN A 177 6.59 -13.24 10.86
CA GLN A 177 6.52 -12.48 9.62
C GLN A 177 5.39 -11.45 9.66
N ARG A 178 4.23 -11.83 10.19
CA ARG A 178 3.13 -10.89 10.37
C ARG A 178 3.59 -9.72 11.22
N ALA A 179 4.22 -10.03 12.35
CA ALA A 179 4.69 -9.00 13.25
C ALA A 179 5.70 -8.08 12.57
N GLN A 180 6.58 -8.65 11.75
CA GLN A 180 7.54 -7.82 11.03
C GLN A 180 6.85 -6.88 10.05
N LEU A 181 5.86 -7.38 9.32
CA LEU A 181 5.12 -6.53 8.40
C LEU A 181 4.46 -5.37 9.16
N VAL A 182 3.83 -5.69 10.29
CA VAL A 182 3.19 -4.66 11.10
C VAL A 182 4.18 -3.63 11.61
N THR A 183 5.34 -4.10 12.09
CA THR A 183 6.37 -3.18 12.55
C THR A 183 6.77 -2.23 11.42
N TRP A 184 6.99 -2.79 10.23
CA TRP A 184 7.33 -1.95 9.10
C TRP A 184 6.27 -0.89 8.81
N LEU A 185 5.00 -1.32 8.73
CA LEU A 185 3.92 -0.39 8.41
C LEU A 185 3.77 0.70 9.47
N LYS A 186 3.90 0.33 10.75
CA LYS A 186 3.78 1.31 11.82
C LYS A 186 4.86 2.39 11.74
N GLY A 187 6.04 2.01 11.23
CA GLY A 187 7.14 2.94 11.11
C GLY A 187 7.20 3.70 9.79
N ASN A 188 6.13 3.66 9.01
CA ASN A 188 6.11 4.41 7.77
C ASN A 188 6.35 5.90 8.04
N THR A 189 7.12 6.54 7.17
CA THR A 189 7.40 7.96 7.28
C THR A 189 6.62 8.84 6.28
N THR A 190 5.97 8.22 5.29
CA THR A 190 5.40 8.98 4.17
C THR A 190 3.92 9.35 4.30
N GLY A 191 3.29 8.95 5.39
CA GLY A 191 1.83 9.01 5.48
C GLY A 191 1.23 10.10 6.36
N SER A 192 2.03 11.06 6.82
CA SER A 192 1.58 12.05 7.80
CA SER A 192 1.52 11.98 7.83
C SER A 192 0.29 12.75 7.40
N ALA A 193 0.22 13.16 6.13
CA ALA A 193 -0.88 13.99 5.65
C ALA A 193 -2.05 13.21 5.09
N SER A 194 -1.95 11.87 5.05
CA SER A 194 -2.95 11.02 4.43
C SER A 194 -3.92 10.48 5.50
N ILE A 195 -4.18 9.16 5.54
CA ILE A 195 -5.15 8.64 6.51
C ILE A 195 -4.86 9.11 7.94
N ARG A 196 -3.60 9.06 8.35
CA ARG A 196 -3.24 9.44 9.71
C ARG A 196 -3.79 10.83 10.09
N ALA A 197 -3.79 11.76 9.14
CA ALA A 197 -4.19 13.13 9.44
C ALA A 197 -5.69 13.24 9.73
N GLY A 198 -6.47 12.23 9.34
CA GLY A 198 -7.91 12.25 9.60
C GLY A 198 -8.33 11.53 10.85
N LEU A 199 -7.37 11.08 11.66
CA LEU A 199 -7.63 10.25 12.83
C LEU A 199 -7.10 10.94 14.08
N PRO A 200 -7.60 10.54 15.26
CA PRO A 200 -7.01 10.99 16.52
C PRO A 200 -5.49 10.79 16.51
N LYS A 201 -4.76 11.79 17.01
CA LYS A 201 -3.30 11.82 16.91
C LYS A 201 -2.62 10.66 17.62
N SER A 202 -3.27 10.16 18.66
CA SER A 202 -2.67 9.13 19.50
C SER A 202 -3.07 7.71 19.08
N TRP A 203 -3.88 7.56 18.03
CA TRP A 203 -4.15 6.22 17.52
C TRP A 203 -2.92 5.71 16.80
N VAL A 204 -2.59 4.46 17.07
CA VAL A 204 -1.50 3.82 16.37
C VAL A 204 -1.98 3.38 14.98
N VAL A 205 -1.16 3.68 13.98
CA VAL A 205 -1.48 3.39 12.60
C VAL A 205 -0.28 2.79 11.91
N GLY A 206 -0.54 1.79 11.08
CA GLY A 206 0.45 1.33 10.11
C GLY A 206 -0.11 1.57 8.72
N ASP A 207 0.69 2.12 7.80
CA ASP A 207 0.12 2.42 6.48
C ASP A 207 1.18 2.38 5.41
N LYS A 208 0.72 2.30 4.17
CA LYS A 208 1.56 2.48 3.00
C LYS A 208 0.83 3.38 2.02
N THR A 209 1.50 4.45 1.59
CA THR A 209 0.99 5.40 0.63
C THR A 209 1.33 5.02 -0.81
N GLY A 210 0.70 5.72 -1.74
CA GLY A 210 1.17 5.74 -3.11
C GLY A 210 0.78 7.06 -3.76
N SER A 211 1.62 7.48 -4.70
CA SER A 211 1.36 8.68 -5.50
CA SER A 211 1.42 8.70 -5.48
CA SER A 211 1.45 8.72 -5.47
C SER A 211 1.82 8.40 -6.91
N GLY A 212 0.92 8.64 -7.85
CA GLY A 212 1.21 8.40 -9.25
C GLY A 212 0.73 9.51 -10.13
N ASP A 213 0.80 9.25 -11.44
CA ASP A 213 0.25 10.18 -12.41
C ASP A 213 -1.28 10.19 -12.29
N TYR A 214 -1.91 11.08 -13.05
CA TYR A 214 -3.34 11.35 -12.90
C TYR A 214 -3.68 11.75 -11.47
N GLY A 215 -2.71 12.39 -10.80
CA GLY A 215 -2.92 12.84 -9.42
C GLY A 215 -3.38 11.71 -8.51
N THR A 216 -2.93 10.49 -8.81
CA THR A 216 -3.39 9.33 -8.09
C THR A 216 -2.75 9.31 -6.72
N THR A 217 -3.58 9.28 -5.70
CA THR A 217 -3.14 9.49 -4.32
C THR A 217 -3.83 8.45 -3.46
N ASN A 218 -3.02 7.56 -2.89
CA ASN A 218 -3.53 6.36 -2.24
C ASN A 218 -2.94 6.17 -0.85
N ASP A 219 -3.66 5.44 0.00
CA ASP A 219 -3.12 5.04 1.29
C ASP A 219 -3.91 3.82 1.74
N ILE A 220 -3.19 2.84 2.28
CA ILE A 220 -3.81 1.65 2.86
C ILE A 220 -3.28 1.52 4.28
N ALA A 221 -4.19 1.31 5.23
CA ALA A 221 -3.83 1.42 6.64
C ALA A 221 -4.52 0.38 7.50
N VAL A 222 -3.81 0.01 8.56
CA VAL A 222 -4.39 -0.67 9.70
CA VAL A 222 -4.37 -0.68 9.69
C VAL A 222 -4.33 0.29 10.87
N ILE A 223 -5.43 0.39 11.59
CA ILE A 223 -5.62 1.39 12.62
C ILE A 223 -6.00 0.69 13.91
N TRP A 224 -5.28 1.03 14.99
CA TRP A 224 -5.52 0.42 16.30
C TRP A 224 -6.05 1.50 17.25
N PRO A 225 -7.38 1.60 17.38
CA PRO A 225 -7.92 2.47 18.43
C PRO A 225 -7.51 2.06 19.85
N GLU A 226 -7.65 3.00 20.78
CA GLU A 226 -7.25 2.77 22.16
C GLU A 226 -8.15 1.81 22.92
N ASN A 227 -9.44 1.77 22.56
CA ASN A 227 -10.50 1.04 23.27
C ASN A 227 -11.38 0.23 22.34
N HIS A 228 -10.89 -0.08 21.14
CA HIS A 228 -11.71 -0.76 20.16
C HIS A 228 -10.83 -1.67 19.34
N ALA A 229 -11.48 -2.62 18.68
CA ALA A 229 -10.81 -3.51 17.75
C ALA A 229 -10.26 -2.74 16.54
N PRO A 230 -9.24 -3.29 15.86
CA PRO A 230 -8.69 -2.59 14.71
C PRO A 230 -9.66 -2.34 13.58
N LEU A 231 -9.32 -1.29 12.84
CA LEU A 231 -9.99 -0.95 11.59
C LEU A 231 -8.96 -1.12 10.47
N VAL A 232 -9.42 -1.57 9.31
CA VAL A 232 -8.58 -1.62 8.13
C VAL A 232 -9.21 -0.69 7.11
N LEU A 233 -8.42 0.23 6.57
CA LEU A 233 -8.95 1.29 5.71
C LEU A 233 -8.10 1.44 4.47
N VAL A 234 -8.75 1.38 3.30
CA VAL A 234 -8.15 1.70 2.03
C VAL A 234 -8.84 2.94 1.48
N THR A 235 -8.04 3.93 1.11
CA THR A 235 -8.52 5.13 0.45
C THR A 235 -7.70 5.34 -0.83
N TYR A 236 -8.35 5.22 -1.98
CA TYR A 236 -7.73 5.43 -3.27
C TYR A 236 -8.40 6.62 -3.95
N PHE A 237 -7.62 7.41 -4.68
CA PHE A 237 -8.15 8.61 -5.30
C PHE A 237 -7.40 8.87 -6.60
N THR A 238 -8.12 9.23 -7.65
CA THR A 238 -7.48 9.50 -8.92
C THR A 238 -8.28 10.56 -9.69
N GLN A 239 -7.63 11.22 -10.63
CA GLN A 239 -8.17 12.43 -11.22
C GLN A 239 -8.12 12.35 -12.74
N PRO A 240 -8.85 13.24 -13.43
CA PRO A 240 -8.93 13.15 -14.89
C PRO A 240 -7.73 13.62 -15.70
N GLU A 241 -6.84 14.43 -15.12
CA GLU A 241 -5.69 15.04 -15.84
C GLU A 241 -4.41 14.34 -15.47
N GLN A 242 -3.61 13.97 -16.48
CA GLN A 242 -2.36 13.24 -16.25
CA GLN A 242 -2.37 13.26 -16.27
C GLN A 242 -1.41 13.94 -15.28
N LYS A 243 -1.30 15.26 -15.37
CA LYS A 243 -0.34 16.00 -14.56
C LYS A 243 -0.94 16.57 -13.27
N ALA A 244 -2.13 16.10 -12.88
CA ALA A 244 -2.81 16.60 -11.68
C ALA A 244 -1.93 16.46 -10.46
N GLU A 245 -2.09 17.39 -9.52
CA GLU A 245 -1.44 17.34 -8.22
CA GLU A 245 -1.34 17.25 -8.28
C GLU A 245 -1.97 16.18 -7.38
N ASN A 246 -1.13 15.62 -6.53
CA ASN A 246 -1.63 14.66 -5.62
C ASN A 246 -2.45 15.39 -4.50
N ARG A 247 -3.37 14.64 -3.88
CA ARG A 247 -4.36 15.22 -2.96
C ARG A 247 -4.42 14.41 -1.66
N ASN A 248 -3.34 14.41 -0.88
CA ASN A 248 -3.30 13.66 0.37
CA ASN A 248 -3.30 13.68 0.37
C ASN A 248 -4.44 14.09 1.30
N ASP A 249 -4.78 15.38 1.30
CA ASP A 249 -5.84 15.89 2.15
CA ASP A 249 -5.81 15.90 2.19
C ASP A 249 -7.19 15.24 1.91
N ILE A 250 -7.44 14.81 0.67
CA ILE A 250 -8.68 14.10 0.36
C ILE A 250 -8.75 12.76 1.11
N LEU A 251 -7.60 12.06 1.19
CA LEU A 251 -7.54 10.81 1.94
C LEU A 251 -7.77 11.04 3.43
N ALA A 252 -7.17 12.10 3.98
CA ALA A 252 -7.40 12.47 5.37
C ALA A 252 -8.89 12.74 5.61
N ALA A 253 -9.51 13.49 4.70
CA ALA A 253 -10.92 13.80 4.84
C ALA A 253 -11.79 12.55 4.78
N ALA A 254 -11.48 11.64 3.86
CA ALA A 254 -12.23 10.40 3.77
C ALA A 254 -12.09 9.59 5.06
N ALA A 255 -10.88 9.53 5.61
CA ALA A 255 -10.65 8.82 6.87
C ALA A 255 -11.47 9.43 7.99
N LYS A 256 -11.50 10.76 8.08
CA LYS A 256 -12.28 11.42 9.10
C LYS A 256 -13.77 11.09 8.97
N ILE A 257 -14.27 11.13 7.74
CA ILE A 257 -15.68 10.86 7.49
C ILE A 257 -16.05 9.44 7.95
N VAL A 258 -15.25 8.44 7.58
CA VAL A 258 -15.66 7.07 7.84
C VAL A 258 -15.40 6.62 9.26
N THR A 259 -14.63 7.40 10.01
CA THR A 259 -14.44 7.15 11.43
C THR A 259 -15.20 8.14 12.35
N HIS A 260 -16.08 8.96 11.77
CA HIS A 260 -16.88 9.93 12.53
C HIS A 260 -18.09 9.26 13.20
S SO4 B . -11.00 4.94 21.21
O1 SO4 B . -10.97 3.47 21.07
O2 SO4 B . -11.50 5.30 22.53
O3 SO4 B . -9.61 5.35 21.17
O4 SO4 B . -11.81 5.59 20.19
S SO4 C . 2.87 1.60 -22.00
O1 SO4 C . 3.64 2.44 -22.92
O2 SO4 C . 1.84 0.90 -22.79
O3 SO4 C . 3.75 0.60 -21.40
O4 SO4 C . 2.25 2.39 -20.91
S1 CEO D . 7.66 7.98 -5.00
C2 CEO D . 6.34 9.22 -4.81
C2 CEO D . 7.97 8.45 -3.27
C3 CEO D . 5.67 9.04 -3.45
C3 CEO D . 6.68 8.51 -2.47
C3' CEO D . 5.23 10.21 -2.82
C3' CEO D . 6.69 9.25 -1.29
C4 CEO D . 5.54 7.80 -2.84
C4' CEO D . 4.40 7.70 -1.84
O4A CEO D . 4.23 6.64 -1.25
O4B CEO D . 3.51 8.59 -1.88
N5 CEO D . 5.72 6.69 -3.55
C6 CEO D . 6.69 6.50 -4.64
C7 CEO D . 5.98 5.89 -5.89
C8 CEO D . 4.81 5.13 -5.34
O9 CEO D . 3.65 5.50 -5.40
N10 CEO D . 5.55 6.89 -6.84
C11 CEO D . 6.32 7.26 -7.87
O12 CEO D . 7.41 6.74 -8.11
C13 CEO D . 5.79 8.42 -8.70
C14 CEO D . 5.65 8.19 -10.19
C14 CEO D . 5.65 8.10 -10.19
C15 CEO D . 6.34 7.41 -11.03
C15 CEO D . 4.69 8.50 -11.04
C16 CEO D . 5.91 7.48 -12.31
C16 CEO D . 4.84 8.05 -12.31
C17 CEO D . 4.87 8.31 -12.54
C17 CEO D . 5.91 7.27 -12.52
S19 CEO D . 4.47 9.00 -11.05
S19 CEO D . 6.72 7.15 -11.04
S1 CLS E . -1.42 21.19 -3.37
C2 CLS E . -0.86 19.47 -3.09
C3 CLS E . -1.60 18.70 -2.01
C3' CLS E . -0.96 17.55 -1.53
O20 CLS E . -0.07 17.66 -0.42
C21 CLS E . 1.25 17.47 -0.65
O22 CLS E . 1.71 17.59 -1.79
C23 CLS E . 2.09 17.41 0.45
C4 CLS E . -2.92 19.00 -1.63
C4' CLS E . -3.72 18.21 -0.59
O4A CLS E . -3.15 17.73 0.41
O4B CLS E . -4.94 18.04 -0.86
N5 CLS E . -3.56 20.12 -2.15
C6 CLS E . -3.18 20.77 -3.42
C7 CLS E . -4.17 21.89 -3.05
C8 CLS E . -4.29 21.15 -1.72
O9 CLS E . -4.84 21.32 -0.65
N10 CLS E . -3.66 23.27 -2.89
C11 CLS E . -4.22 24.28 -3.56
O12 CLS E . -5.17 24.15 -4.34
C13 CLS E . -3.64 25.65 -3.28
C14 CLS E . -3.10 26.34 -4.54
C15 CLS E . -1.83 26.51 -4.92
C16 CLS E . -1.70 27.17 -6.10
C17 CLS E . -2.84 27.55 -6.70
S19 CLS E . -4.10 27.05 -5.70
S1 SPA F . 27.08 -3.07 -6.34
C2 SPA F . 28.30 -4.14 -6.83
C3 SPA F . 28.93 -4.65 -5.74
C4 SPA F . 28.40 -4.17 -4.58
C5 SPA F . 27.39 -3.29 -4.69
C6 SPA F . 28.58 -4.43 -8.31
C7 SPA F . 28.94 -3.17 -9.13
O1 SPA F . 28.66 -3.20 -10.35
O2 SPA F . 29.50 -2.22 -8.54
#